data_4B8N
#
_entry.id   4B8N
#
_cell.length_a   45.690
_cell.length_b   58.500
_cell.length_c   127.070
_cell.angle_alpha   90.00
_cell.angle_beta   90.00
_cell.angle_gamma   90.00
#
_symmetry.space_group_name_H-M   'P 21 21 21'
#
loop_
_entity.id
_entity.type
_entity.pdbx_description
1 polymer 'CYTOCHROME B5-HOST ORIGIN'
2 non-polymer 'PROTOPORPHYRIN IX CONTAINING FE'
3 non-polymer 'SULFATE ION'
4 water water
#
_entity_poly.entity_id   1
_entity_poly.type   'polypeptide(L)'
_entity_poly.pdbx_seq_one_letter_code
;MNRIKTINDHINPRDLSLTEIAKHNTEEDCWVIIKDIVYDLTKFLPDHPGGKKAIILFAGKDATEEFDMLHPPNVLKKYL
TPEVVLGPVKK
;
_entity_poly.pdbx_strand_id   A,B,C,D
#
loop_
_chem_comp.id
_chem_comp.type
_chem_comp.name
_chem_comp.formula
HEM non-polymer 'PROTOPORPHYRIN IX CONTAINING FE' 'C34 H32 Fe N4 O4'
SO4 non-polymer 'SULFATE ION' 'O4 S -2'
#
# COMPACT_ATOMS: atom_id res chain seq x y z
N PRO A 13 16.96 -17.87 32.12
CA PRO A 13 17.09 -19.19 31.51
C PRO A 13 17.41 -19.11 30.01
N ARG A 14 16.86 -18.10 29.32
CA ARG A 14 16.91 -17.96 27.86
C ARG A 14 16.19 -19.11 27.11
N ASP A 15 14.99 -19.42 27.60
CA ASP A 15 14.06 -20.39 26.99
C ASP A 15 12.92 -19.66 26.27
N LEU A 16 11.89 -20.38 25.85
CA LEU A 16 10.82 -19.79 25.01
C LEU A 16 9.75 -18.97 25.75
N SER A 17 10.17 -18.08 26.66
CA SER A 17 9.23 -17.16 27.30
C SER A 17 8.90 -16.00 26.36
N LEU A 18 7.77 -15.34 26.58
CA LEU A 18 7.38 -14.19 25.77
C LEU A 18 8.43 -13.11 25.78
N THR A 19 9.05 -12.91 26.96
CA THR A 19 10.16 -11.97 27.12
C THR A 19 11.31 -12.31 26.17
N GLU A 20 11.73 -13.56 26.17
CA GLU A 20 12.81 -13.97 25.30
CA GLU A 20 12.81 -13.96 25.30
C GLU A 20 12.39 -13.89 23.83
N ILE A 21 11.15 -14.28 23.54
CA ILE A 21 10.66 -14.26 22.15
C ILE A 21 10.69 -12.84 21.57
N ALA A 22 10.23 -11.89 22.36
CA ALA A 22 10.21 -10.48 21.97
C ALA A 22 11.57 -9.94 21.49
N LYS A 23 12.67 -10.56 21.93
CA LYS A 23 14.01 -10.13 21.55
C LYS A 23 14.38 -10.52 20.12
N HIS A 24 13.63 -11.47 19.54
CA HIS A 24 13.89 -11.95 18.17
C HIS A 24 12.94 -11.28 17.23
N ASN A 25 13.19 -9.98 17.02
CA ASN A 25 12.22 -9.08 16.42
C ASN A 25 12.77 -8.30 15.22
N THR A 26 13.77 -8.86 14.54
CA THR A 26 14.33 -8.21 13.34
C THR A 26 14.33 -9.17 12.16
N GLU A 27 14.49 -8.62 10.96
CA GLU A 27 14.73 -9.43 9.75
C GLU A 27 15.89 -10.42 9.97
N GLU A 28 16.93 -9.97 10.68
CA GLU A 28 18.13 -10.77 10.91
C GLU A 28 17.93 -11.89 11.96
N ASP A 29 16.85 -11.79 12.72
CA ASP A 29 16.63 -12.70 13.85
C ASP A 29 15.15 -12.68 14.18
N CYS A 30 14.38 -13.51 13.49
CA CYS A 30 12.92 -13.36 13.40
C CYS A 30 12.16 -14.58 13.92
N TRP A 31 11.61 -14.48 15.13
CA TRP A 31 10.77 -15.54 15.66
C TRP A 31 9.36 -15.09 15.63
N VAL A 32 8.44 -16.01 15.37
CA VAL A 32 7.01 -15.70 15.33
C VAL A 32 6.25 -16.80 16.05
N ILE A 33 5.24 -16.42 16.84
CA ILE A 33 4.38 -17.38 17.55
C ILE A 33 3.12 -17.61 16.72
N ILE A 34 2.81 -18.88 16.45
CA ILE A 34 1.55 -19.27 15.81
C ILE A 34 0.99 -20.46 16.59
N LYS A 35 -0.20 -20.26 17.17
CA LYS A 35 -0.87 -21.21 18.07
C LYS A 35 0.05 -21.73 19.15
N ASP A 36 0.72 -20.82 19.85
CA ASP A 36 1.55 -21.14 21.01
C ASP A 36 2.81 -21.97 20.70
N ILE A 37 3.16 -22.04 19.42
CA ILE A 37 4.41 -22.67 18.95
C ILE A 37 5.33 -21.60 18.36
N VAL A 38 6.60 -21.60 18.77
CA VAL A 38 7.56 -20.60 18.27
C VAL A 38 8.26 -21.13 17.03
N TYR A 39 8.23 -20.35 15.95
CA TYR A 39 8.95 -20.66 14.72
C TYR A 39 10.07 -19.66 14.50
N ASP A 40 11.25 -20.14 14.11
CA ASP A 40 12.32 -19.24 13.69
C ASP A 40 12.22 -19.08 12.19
N LEU A 41 11.70 -17.94 11.76
CA LEU A 41 11.42 -17.72 10.35
C LEU A 41 12.51 -16.93 9.63
N THR A 42 13.64 -16.71 10.30
CA THR A 42 14.72 -15.86 9.76
C THR A 42 15.12 -16.35 8.35
N LYS A 43 15.43 -17.63 8.23
CA LYS A 43 15.84 -18.18 6.94
C LYS A 43 14.66 -18.38 5.99
N PHE A 44 13.47 -18.58 6.54
CA PHE A 44 12.26 -18.67 5.68
C PHE A 44 11.88 -17.36 4.98
N LEU A 45 12.33 -16.23 5.52
CA LEU A 45 11.87 -14.91 5.03
C LEU A 45 11.96 -14.71 3.52
N PRO A 46 13.15 -14.90 2.90
CA PRO A 46 13.19 -14.71 1.45
C PRO A 46 12.41 -15.79 0.70
N ASP A 47 12.09 -16.91 1.36
CA ASP A 47 11.32 -18.00 0.75
C ASP A 47 9.81 -17.81 0.84
N HIS A 48 9.38 -16.86 1.67
CA HIS A 48 7.94 -16.69 1.90
C HIS A 48 7.21 -16.22 0.66
N PRO A 49 6.19 -16.97 0.19
CA PRO A 49 5.52 -16.43 -1.01
C PRO A 49 4.79 -15.09 -0.79
N GLY A 50 4.53 -14.72 0.47
CA GLY A 50 3.90 -13.43 0.79
C GLY A 50 4.87 -12.30 1.07
N GLY A 51 6.16 -12.55 0.86
CA GLY A 51 7.17 -11.50 1.04
C GLY A 51 7.76 -11.47 2.44
N LYS A 52 8.89 -10.78 2.58
CA LYS A 52 9.62 -10.73 3.84
C LYS A 52 8.93 -9.86 4.89
N LYS A 53 8.50 -8.69 4.47
CA LYS A 53 8.00 -7.67 5.41
C LYS A 53 6.72 -8.05 6.13
N ALA A 54 5.83 -8.76 5.44
CA ALA A 54 4.59 -9.28 6.04
C ALA A 54 4.91 -10.09 7.30
N ILE A 55 5.96 -10.89 7.26
CA ILE A 55 6.37 -11.66 8.45
C ILE A 55 7.16 -10.81 9.43
N ILE A 56 8.12 -10.03 8.94
CA ILE A 56 8.95 -9.17 9.81
C ILE A 56 8.05 -8.26 10.70
N LEU A 57 6.93 -7.82 10.11
CA LEU A 57 5.91 -7.07 10.85
C LEU A 57 5.51 -7.73 12.16
N PHE A 58 5.58 -9.06 12.20
CA PHE A 58 5.19 -9.83 13.39
C PHE A 58 6.38 -10.45 14.12
N ALA A 59 7.60 -10.02 13.78
CA ALA A 59 8.80 -10.55 14.44
C ALA A 59 8.74 -10.32 15.97
N GLY A 60 8.89 -11.42 16.71
CA GLY A 60 8.83 -11.37 18.15
C GLY A 60 7.44 -11.37 18.75
N LYS A 61 6.43 -11.58 17.89
CA LYS A 61 5.03 -11.45 18.27
C LYS A 61 4.20 -12.64 17.88
N ASP A 62 2.93 -12.61 18.29
CA ASP A 62 1.98 -13.63 17.93
C ASP A 62 1.28 -13.29 16.60
N ALA A 63 1.34 -14.19 15.63
CA ALA A 63 0.72 -13.96 14.32
C ALA A 63 -0.46 -14.90 14.03
N THR A 64 -0.94 -15.59 15.06
CA THR A 64 -1.94 -16.66 14.89
C THR A 64 -3.13 -16.22 14.03
N GLU A 65 -3.74 -15.09 14.42
CA GLU A 65 -4.96 -14.61 13.77
C GLU A 65 -4.75 -14.28 12.30
N GLU A 66 -3.68 -13.54 12.01
CA GLU A 66 -3.40 -13.09 10.64
C GLU A 66 -2.93 -14.27 9.78
N PHE A 67 -2.22 -15.21 10.40
CA PHE A 67 -1.82 -16.43 9.70
C PHE A 67 -3.06 -17.26 9.34
N ASP A 68 -3.93 -17.54 10.33
CA ASP A 68 -5.14 -18.32 10.11
CA ASP A 68 -5.12 -18.35 10.07
C ASP A 68 -6.06 -17.70 9.04
N MET A 69 -6.13 -16.39 9.00
CA MET A 69 -7.02 -15.77 8.01
C MET A 69 -6.44 -15.68 6.60
N LEU A 70 -5.11 -15.77 6.47
CA LEU A 70 -4.44 -15.62 5.17
C LEU A 70 -3.95 -16.91 4.49
N HIS A 71 -3.93 -18.01 5.25
CA HIS A 71 -3.39 -19.28 4.75
C HIS A 71 -4.33 -20.43 4.97
N PRO A 72 -4.36 -21.39 4.01
CA PRO A 72 -5.06 -22.66 4.17
C PRO A 72 -4.46 -23.53 5.28
N PRO A 73 -5.29 -24.40 5.90
CA PRO A 73 -4.83 -25.21 7.04
C PRO A 73 -3.65 -26.12 6.74
N ASN A 74 -3.36 -26.38 5.46
CA ASN A 74 -2.30 -27.30 5.06
C ASN A 74 -0.89 -26.69 4.85
N VAL A 75 -0.79 -25.37 4.99
CA VAL A 75 0.45 -24.63 4.72
C VAL A 75 1.62 -24.93 5.70
N LEU A 76 1.34 -24.91 7.00
CA LEU A 76 2.39 -25.13 8.02
C LEU A 76 3.17 -26.45 7.81
N LYS A 77 2.42 -27.52 7.57
CA LYS A 77 2.98 -28.84 7.38
C LYS A 77 3.69 -29.02 6.05
N LYS A 78 3.43 -28.15 5.07
CA LYS A 78 4.03 -28.32 3.74
C LYS A 78 5.21 -27.42 3.41
N TYR A 79 5.42 -26.37 4.21
CA TYR A 79 6.47 -25.41 3.87
C TYR A 79 7.63 -25.34 4.84
N LEU A 80 7.46 -25.87 6.05
CA LEU A 80 8.49 -25.77 7.06
C LEU A 80 9.12 -27.12 7.43
N THR A 81 10.40 -27.08 7.81
CA THR A 81 11.11 -28.27 8.33
C THR A 81 11.19 -28.21 9.86
N PRO A 82 11.55 -29.34 10.51
CA PRO A 82 11.68 -29.36 11.97
C PRO A 82 12.71 -28.38 12.53
N GLU A 83 13.73 -28.05 11.74
CA GLU A 83 14.77 -27.16 12.27
C GLU A 83 14.27 -25.75 12.65
N VAL A 84 13.16 -25.30 12.05
CA VAL A 84 12.63 -23.97 12.37
C VAL A 84 11.56 -23.98 13.45
N VAL A 85 11.10 -25.17 13.82
CA VAL A 85 10.06 -25.30 14.82
C VAL A 85 10.76 -25.42 16.17
N LEU A 86 10.76 -24.33 16.93
CA LEU A 86 11.54 -24.27 18.14
C LEU A 86 10.85 -24.93 19.32
N GLY A 87 9.52 -24.84 19.39
CA GLY A 87 8.74 -25.44 20.47
C GLY A 87 7.65 -24.52 21.01
N PRO A 88 6.96 -24.98 22.07
CA PRO A 88 5.86 -24.16 22.60
C PRO A 88 6.35 -23.01 23.49
N VAL A 89 5.57 -21.91 23.51
CA VAL A 89 5.78 -20.79 24.42
C VAL A 89 5.77 -21.28 25.87
N LYS A 90 6.74 -20.81 26.66
CA LYS A 90 6.79 -21.11 28.09
C LYS A 90 6.08 -20.02 28.87
N LYS A 91 4.97 -20.40 29.51
CA LYS A 91 4.14 -19.49 30.30
C LYS A 91 4.58 -19.40 31.77
N ASN B 2 19.13 16.33 -1.78
CA ASN B 2 18.93 15.41 -2.95
C ASN B 2 17.46 15.08 -3.22
N ARG B 3 16.76 14.66 -2.17
CA ARG B 3 15.32 14.45 -2.24
C ARG B 3 14.59 15.81 -2.31
N ILE B 4 13.43 15.81 -2.96
CA ILE B 4 12.68 17.05 -3.16
C ILE B 4 12.40 17.80 -1.84
N LYS B 5 12.58 19.12 -1.90
CA LYS B 5 12.32 20.00 -0.75
C LYS B 5 11.10 20.90 -0.99
N THR B 6 9.98 20.29 -1.38
CA THR B 6 8.71 21.01 -1.51
C THR B 6 7.83 20.53 -0.37
N ILE B 7 7.04 21.42 0.23
CA ILE B 7 6.04 20.97 1.22
C ILE B 7 4.98 20.07 0.55
N ASN B 8 4.45 19.13 1.35
CA ASN B 8 3.40 18.19 0.94
C ASN B 8 2.30 18.84 0.09
N ASP B 9 1.80 19.98 0.60
CA ASP B 9 0.74 20.74 -0.07
CA ASP B 9 0.76 20.79 -0.05
C ASP B 9 1.10 21.09 -1.52
N HIS B 10 2.39 21.31 -1.80
CA HIS B 10 2.80 21.76 -3.13
C HIS B 10 3.54 20.77 -4.00
N ILE B 11 3.57 19.50 -3.56
CA ILE B 11 4.15 18.40 -4.35
C ILE B 11 3.37 18.18 -5.66
N ASN B 12 4.10 18.11 -6.77
CA ASN B 12 3.52 17.87 -8.10
C ASN B 12 3.47 16.38 -8.42
N PRO B 13 2.50 15.95 -9.26
CA PRO B 13 2.44 14.54 -9.67
C PRO B 13 3.77 13.98 -10.25
N ARG B 14 4.48 14.77 -11.06
CA ARG B 14 5.74 14.29 -11.67
C ARG B 14 6.86 14.01 -10.64
N ASP B 15 6.78 14.67 -9.48
CA ASP B 15 7.74 14.45 -8.37
C ASP B 15 7.69 13.03 -7.79
N LEU B 16 6.61 12.30 -8.04
CA LEU B 16 6.33 11.08 -7.28
C LEU B 16 6.78 9.80 -8.01
N SER B 17 8.03 9.80 -8.49
CA SER B 17 8.58 8.62 -9.13
C SER B 17 9.05 7.67 -8.03
N LEU B 18 9.17 6.38 -8.35
CA LEU B 18 9.70 5.41 -7.38
C LEU B 18 11.09 5.81 -6.92
N THR B 19 11.88 6.35 -7.85
CA THR B 19 13.20 6.90 -7.55
C THR B 19 13.14 7.92 -6.41
N GLU B 20 12.22 8.88 -6.52
CA GLU B 20 12.08 9.89 -5.47
C GLU B 20 11.55 9.26 -4.20
N ILE B 21 10.54 8.41 -4.33
CA ILE B 21 9.84 7.85 -3.16
C ILE B 21 10.83 7.08 -2.26
N ALA B 22 11.73 6.32 -2.88
CA ALA B 22 12.70 5.49 -2.13
C ALA B 22 13.62 6.32 -1.23
N LYS B 23 13.83 7.58 -1.59
CA LYS B 23 14.68 8.47 -0.80
C LYS B 23 13.99 8.97 0.48
N HIS B 24 12.67 8.81 0.58
CA HIS B 24 11.98 9.18 1.83
C HIS B 24 11.73 7.98 2.70
N ASN B 25 12.80 7.45 3.27
CA ASN B 25 12.77 6.14 3.93
C ASN B 25 13.29 6.11 5.37
N THR B 26 13.15 7.22 6.07
CA THR B 26 13.55 7.29 7.48
C THR B 26 12.40 7.76 8.36
N GLU B 27 12.53 7.55 9.67
CA GLU B 27 11.57 8.06 10.65
C GLU B 27 11.34 9.56 10.48
N GLU B 28 12.41 10.27 10.17
CA GLU B 28 12.37 11.73 10.04
C GLU B 28 11.79 12.22 8.71
N ASP B 29 11.69 11.32 7.73
CA ASP B 29 11.18 11.66 6.39
C ASP B 29 10.64 10.38 5.78
N CYS B 30 9.39 10.07 6.11
CA CYS B 30 8.83 8.76 5.87
C CYS B 30 7.65 8.80 4.91
N TRP B 31 7.89 8.43 3.67
CA TRP B 31 6.80 8.22 2.71
C TRP B 31 6.48 6.77 2.52
N VAL B 32 5.20 6.46 2.26
CA VAL B 32 4.79 5.07 2.07
C VAL B 32 3.75 5.06 0.99
N ILE B 33 3.84 4.08 0.09
CA ILE B 33 2.83 3.86 -0.94
C ILE B 33 1.75 2.94 -0.41
N ILE B 34 0.49 3.38 -0.49
CA ILE B 34 -0.63 2.55 -0.12
C ILE B 34 -1.70 2.66 -1.19
N LYS B 35 -2.05 1.53 -1.79
CA LYS B 35 -3.05 1.51 -2.87
C LYS B 35 -2.69 2.54 -3.98
N ASP B 36 -1.41 2.53 -4.37
CA ASP B 36 -0.90 3.34 -5.49
C ASP B 36 -0.82 4.84 -5.17
N ILE B 37 -1.09 5.24 -3.93
CA ILE B 37 -1.00 6.65 -3.53
C ILE B 37 0.19 6.82 -2.60
N VAL B 38 0.94 7.90 -2.77
CA VAL B 38 2.04 8.22 -1.86
C VAL B 38 1.52 9.04 -0.68
N TYR B 39 1.81 8.58 0.53
CA TYR B 39 1.49 9.33 1.76
C TYR B 39 2.74 9.71 2.51
N ASP B 40 2.81 10.96 2.96
CA ASP B 40 3.89 11.33 3.90
C ASP B 40 3.43 11.03 5.32
N LEU B 41 3.94 9.96 5.92
CA LEU B 41 3.51 9.52 7.26
C LEU B 41 4.39 10.02 8.40
N THR B 42 5.32 10.91 8.07
CA THR B 42 6.25 11.42 9.06
C THR B 42 5.56 11.92 10.33
N LYS B 43 4.51 12.74 10.18
CA LYS B 43 3.85 13.35 11.33
CA LYS B 43 3.86 13.35 11.34
C LYS B 43 2.92 12.37 12.06
N PHE B 44 2.35 11.42 11.31
CA PHE B 44 1.46 10.42 11.89
C PHE B 44 2.20 9.37 12.74
N LEU B 45 3.46 9.13 12.38
CA LEU B 45 4.28 8.08 13.00
C LEU B 45 4.09 7.84 14.50
N PRO B 46 4.33 8.87 15.35
CA PRO B 46 4.20 8.63 16.79
C PRO B 46 2.77 8.35 17.23
N ASP B 47 1.80 8.72 16.41
CA ASP B 47 0.39 8.52 16.75
C ASP B 47 -0.18 7.19 16.27
N HIS B 48 0.56 6.48 15.42
CA HIS B 48 0.11 5.19 14.87
C HIS B 48 -0.18 4.15 15.92
N PRO B 49 -1.45 3.68 15.99
CA PRO B 49 -1.78 2.70 17.03
C PRO B 49 -1.02 1.39 16.88
N GLY B 50 -0.57 1.06 15.67
CA GLY B 50 0.28 -0.13 15.47
C GLY B 50 1.77 0.09 15.72
N GLY B 51 2.15 1.29 16.18
CA GLY B 51 3.54 1.59 16.55
C GLY B 51 4.40 2.13 15.43
N LYS B 52 5.52 2.75 15.81
CA LYS B 52 6.47 3.36 14.83
C LYS B 52 7.14 2.37 13.86
N LYS B 53 7.64 1.26 14.39
CA LYS B 53 8.45 0.29 13.64
C LYS B 53 7.71 -0.32 12.46
N ALA B 54 6.42 -0.61 12.65
CA ALA B 54 5.61 -1.23 11.61
C ALA B 54 5.56 -0.36 10.36
N ILE B 55 5.49 0.96 10.56
CA ILE B 55 5.48 1.91 9.44
C ILE B 55 6.90 2.14 8.90
N ILE B 56 7.87 2.29 9.78
CA ILE B 56 9.25 2.54 9.37
C ILE B 56 9.76 1.37 8.53
N LEU B 57 9.25 0.16 8.83
CA LEU B 57 9.53 -1.05 8.05
C LEU B 57 9.25 -0.84 6.55
N PHE B 58 8.22 -0.06 6.25
CA PHE B 58 7.85 0.18 4.85
C PHE B 58 8.22 1.56 4.31
N ALA B 59 9.05 2.30 5.04
CA ALA B 59 9.45 3.63 4.58
C ALA B 59 10.12 3.61 3.22
N GLY B 60 9.59 4.44 2.32
CA GLY B 60 10.07 4.46 0.95
C GLY B 60 9.55 3.33 0.08
N LYS B 61 8.61 2.53 0.59
CA LYS B 61 8.17 1.34 -0.13
C LYS B 61 6.65 1.23 -0.24
N ASP B 62 6.20 0.19 -0.92
CA ASP B 62 4.77 -0.07 -1.06
C ASP B 62 4.30 -0.98 0.06
N ALA B 63 3.28 -0.54 0.81
CA ALA B 63 2.80 -1.31 1.97
C ALA B 63 1.38 -1.84 1.78
N THR B 64 0.91 -1.82 0.53
CA THR B 64 -0.50 -2.04 0.21
C THR B 64 -1.08 -3.34 0.77
N GLU B 65 -0.48 -4.47 0.43
CA GLU B 65 -1.04 -5.78 0.84
CA GLU B 65 -1.01 -5.79 0.83
C GLU B 65 -1.03 -5.93 2.36
N GLU B 66 0.04 -5.53 3.01
CA GLU B 66 0.15 -5.59 4.46
C GLU B 66 -0.75 -4.58 5.17
N PHE B 67 -0.92 -3.39 4.58
CA PHE B 67 -1.90 -2.44 5.11
C PHE B 67 -3.30 -3.04 4.98
N ASP B 68 -3.62 -3.57 3.79
CA ASP B 68 -4.95 -4.15 3.53
CA ASP B 68 -4.94 -4.16 3.52
C ASP B 68 -5.32 -5.27 4.49
N MET B 69 -4.34 -6.10 4.85
CA MET B 69 -4.58 -7.25 5.74
C MET B 69 -4.86 -6.84 7.19
N LEU B 70 -4.48 -5.62 7.57
CA LEU B 70 -4.64 -5.18 8.95
C LEU B 70 -5.66 -4.04 9.17
N HIS B 71 -6.05 -3.32 8.12
CA HIS B 71 -6.88 -2.12 8.30
C HIS B 71 -8.09 -2.09 7.40
N PRO B 72 -9.23 -1.59 7.92
CA PRO B 72 -10.25 -1.16 6.95
C PRO B 72 -9.77 0.14 6.28
N PRO B 73 -10.19 0.38 5.03
CA PRO B 73 -9.63 1.53 4.30
C PRO B 73 -9.96 2.89 4.91
N ASN B 74 -11.02 2.95 5.73
CA ASN B 74 -11.49 4.22 6.30
C ASN B 74 -10.56 4.89 7.32
N VAL B 75 -9.55 4.14 7.79
CA VAL B 75 -8.53 4.76 8.67
C VAL B 75 -7.78 5.89 7.94
N LEU B 76 -7.64 5.77 6.62
CA LEU B 76 -6.90 6.74 5.84
C LEU B 76 -7.55 8.12 5.94
N LYS B 77 -8.88 8.17 5.87
CA LYS B 77 -9.59 9.45 5.97
C LYS B 77 -9.72 9.91 7.43
N LYS B 78 -9.51 9.02 8.39
CA LYS B 78 -9.72 9.40 9.79
C LYS B 78 -8.49 10.02 10.46
N TYR B 79 -7.32 9.44 10.19
CA TYR B 79 -6.16 9.69 11.00
C TYR B 79 -5.17 10.66 10.37
N LEU B 80 -5.39 10.98 9.11
CA LEU B 80 -4.39 11.69 8.31
C LEU B 80 -4.89 13.03 7.87
N THR B 81 -4.03 14.04 7.94
CA THR B 81 -4.38 15.38 7.45
C THR B 81 -4.37 15.36 5.92
N PRO B 82 -5.11 16.29 5.28
CA PRO B 82 -5.28 16.17 3.82
C PRO B 82 -4.00 16.43 3.03
N GLU B 83 -3.09 17.20 3.59
CA GLU B 83 -1.91 17.57 2.82
C GLU B 83 -0.93 16.41 2.63
N VAL B 84 -0.93 15.44 3.57
CA VAL B 84 0.04 14.33 3.48
C VAL B 84 -0.30 13.33 2.39
N VAL B 85 -1.46 13.49 1.75
CA VAL B 85 -1.83 12.70 0.60
C VAL B 85 -1.14 13.37 -0.59
N LEU B 86 -0.01 12.82 -1.03
CA LEU B 86 0.84 13.51 -2.01
C LEU B 86 0.33 13.37 -3.43
N GLY B 87 -0.19 12.19 -3.75
CA GLY B 87 -0.70 11.92 -5.07
C GLY B 87 -0.32 10.51 -5.48
N PRO B 88 -0.62 10.14 -6.74
CA PRO B 88 -0.35 8.80 -7.22
C PRO B 88 1.12 8.59 -7.59
N VAL B 89 1.57 7.34 -7.49
CA VAL B 89 2.90 6.96 -7.96
C VAL B 89 2.99 7.26 -9.46
N LYS B 90 4.06 7.92 -9.86
CA LYS B 90 4.24 8.31 -11.24
C LYS B 90 4.64 7.05 -12.02
N LYS B 91 3.82 6.69 -13.00
CA LYS B 91 4.02 5.48 -13.79
C LYS B 91 4.95 5.69 -14.97
N ILE C 11 -19.20 10.60 8.31
CA ILE C 11 -18.76 12.02 8.49
C ILE C 11 -18.35 12.62 7.15
N ASN C 12 -18.49 13.94 7.01
CA ASN C 12 -18.13 14.63 5.78
C ASN C 12 -17.26 15.86 6.07
N PRO C 13 -16.22 16.10 5.25
CA PRO C 13 -15.32 17.26 5.40
C PRO C 13 -15.97 18.55 5.89
N ARG C 14 -17.20 18.83 5.45
CA ARG C 14 -17.95 20.05 5.84
C ARG C 14 -18.29 20.08 7.34
N ASP C 15 -18.56 18.90 7.91
CA ASP C 15 -18.79 18.75 9.34
C ASP C 15 -17.52 19.03 10.14
N LEU C 16 -16.37 19.10 9.47
CA LEU C 16 -15.08 19.26 10.16
C LEU C 16 -14.35 20.59 9.91
N SER C 17 -15.09 21.65 9.60
CA SER C 17 -14.50 23.00 9.59
C SER C 17 -14.34 23.48 11.03
N LEU C 18 -13.43 24.43 11.26
CA LEU C 18 -13.26 25.01 12.60
C LEU C 18 -14.55 25.55 13.20
N THR C 19 -15.33 26.24 12.36
CA THR C 19 -16.64 26.78 12.75
C THR C 19 -17.56 25.68 13.26
N GLU C 20 -17.67 24.60 12.48
CA GLU C 20 -18.53 23.49 12.89
C GLU C 20 -17.99 22.72 14.10
N ILE C 21 -16.69 22.45 14.16
CA ILE C 21 -16.10 21.75 15.32
C ILE C 21 -16.37 22.51 16.65
N ALA C 22 -16.17 23.84 16.60
CA ALA C 22 -16.38 24.70 17.79
C ALA C 22 -17.77 24.52 18.46
N LYS C 23 -18.75 24.07 17.69
CA LYS C 23 -20.12 23.89 18.18
C LYS C 23 -20.33 22.66 19.05
N HIS C 24 -19.44 21.67 18.95
CA HIS C 24 -19.56 20.48 19.79
C HIS C 24 -18.81 20.75 21.06
N ASN C 25 -19.43 21.52 21.96
CA ASN C 25 -18.72 22.14 23.06
C ASN C 25 -19.31 21.88 24.45
N THR C 26 -20.13 20.84 24.57
CA THR C 26 -20.75 20.46 25.85
C THR C 26 -20.40 19.02 26.25
N GLU C 27 -20.66 18.67 27.51
CA GLU C 27 -20.47 17.30 28.01
C GLU C 27 -21.16 16.23 27.15
N GLU C 28 -22.37 16.52 26.68
CA GLU C 28 -23.12 15.52 25.92
CA GLU C 28 -23.18 15.57 25.91
C GLU C 28 -22.90 15.61 24.40
N ASP C 29 -21.92 16.42 23.99
CA ASP C 29 -21.58 16.63 22.58
C ASP C 29 -20.18 17.30 22.54
N CYS C 30 -19.16 16.48 22.75
CA CYS C 30 -17.82 16.98 23.02
C CYS C 30 -16.80 16.54 21.97
N TRP C 31 -16.40 17.48 21.11
CA TRP C 31 -15.25 17.27 20.21
C TRP C 31 -14.05 18.09 20.62
N VAL C 32 -12.88 17.51 20.42
CA VAL C 32 -11.61 18.18 20.73
C VAL C 32 -10.64 17.94 19.56
N ILE C 33 -9.84 18.96 19.25
CA ILE C 33 -8.85 18.88 18.18
C ILE C 33 -7.50 18.66 18.81
N ILE C 34 -6.81 17.60 18.39
CA ILE C 34 -5.42 17.39 18.81
C ILE C 34 -4.56 17.09 17.60
N LYS C 35 -3.55 17.94 17.38
CA LYS C 35 -2.68 17.85 16.21
C LYS C 35 -3.48 17.78 14.92
N ASP C 36 -4.48 18.67 14.78
CA ASP C 36 -5.24 18.78 13.54
C ASP C 36 -6.20 17.61 13.29
N ILE C 37 -6.30 16.69 14.25
CA ILE C 37 -7.25 15.57 14.16
C ILE C 37 -8.41 15.78 15.15
N VAL C 38 -9.64 15.50 14.72
CA VAL C 38 -10.82 15.72 15.57
C VAL C 38 -11.24 14.42 16.24
N TYR C 39 -11.34 14.47 17.56
CA TYR C 39 -11.79 13.34 18.38
C TYR C 39 -13.15 13.63 19.02
N ASP C 40 -14.06 12.66 18.91
CA ASP C 40 -15.32 12.74 19.58
C ASP C 40 -15.18 12.07 20.93
N LEU C 41 -15.05 12.86 21.98
CA LEU C 41 -14.75 12.32 23.29
C LEU C 41 -15.98 12.17 24.20
N THR C 42 -17.17 12.33 23.61
CA THR C 42 -18.44 12.23 24.35
C THR C 42 -18.50 10.98 25.23
N LYS C 43 -18.28 9.81 24.64
CA LYS C 43 -18.32 8.56 25.38
C LYS C 43 -17.16 8.37 26.36
N PHE C 44 -15.99 8.91 25.99
CA PHE C 44 -14.79 8.77 26.81
C PHE C 44 -14.82 9.55 28.12
N LEU C 45 -15.51 10.68 28.13
CA LEU C 45 -15.46 11.63 29.25
C LEU C 45 -15.49 10.99 30.65
N PRO C 46 -16.49 10.13 30.94
CA PRO C 46 -16.60 9.49 32.28
C PRO C 46 -15.41 8.60 32.65
N ASP C 47 -14.74 8.07 31.62
CA ASP C 47 -13.57 7.20 31.79
C ASP C 47 -12.24 7.97 31.84
N HIS C 48 -12.27 9.28 31.59
CA HIS C 48 -11.03 10.08 31.57
C HIS C 48 -10.40 10.08 32.93
N PRO C 49 -9.14 9.63 33.02
CA PRO C 49 -8.50 9.63 34.34
C PRO C 49 -8.43 11.04 34.95
N GLY C 50 -8.55 12.06 34.12
CA GLY C 50 -8.49 13.45 34.58
C GLY C 50 -9.82 14.11 34.86
N GLY C 51 -10.91 13.34 34.82
CA GLY C 51 -12.25 13.90 35.05
C GLY C 51 -12.92 14.46 33.80
N LYS C 52 -14.23 14.69 33.87
CA LYS C 52 -15.02 15.14 32.71
C LYS C 52 -14.71 16.60 32.37
N LYS C 53 -14.62 17.42 33.42
CA LYS C 53 -14.50 18.87 33.27
C LYS C 53 -13.20 19.34 32.65
N ALA C 54 -12.08 18.69 32.98
CA ALA C 54 -10.80 19.02 32.34
C ALA C 54 -10.88 18.98 30.80
N ILE C 55 -11.64 18.04 30.25
CA ILE C 55 -11.78 17.93 28.80
C ILE C 55 -12.84 18.90 28.27
N ILE C 56 -13.97 19.00 28.97
CA ILE C 56 -15.04 19.90 28.55
C ILE C 56 -14.56 21.35 28.45
N LEU C 57 -13.67 21.75 29.35
CA LEU C 57 -13.03 23.05 29.25
C LEU C 57 -12.44 23.33 27.86
N PHE C 58 -12.03 22.28 27.15
CA PHE C 58 -11.46 22.41 25.80
C PHE C 58 -12.35 21.84 24.69
N ALA C 59 -13.60 21.58 25.05
CA ALA C 59 -14.57 21.10 24.09
C ALA C 59 -14.79 22.09 22.95
N GLY C 60 -14.75 21.58 21.72
CA GLY C 60 -14.84 22.40 20.51
C GLY C 60 -13.62 23.26 20.23
N LYS C 61 -12.52 23.03 20.96
CA LYS C 61 -11.27 23.81 20.75
C LYS C 61 -10.08 22.92 20.37
N ASP C 62 -8.98 23.54 19.96
CA ASP C 62 -7.70 22.88 19.76
C ASP C 62 -7.01 22.85 21.11
N ALA C 63 -6.75 21.64 21.60
CA ALA C 63 -6.13 21.46 22.91
C ALA C 63 -4.75 20.83 22.80
N THR C 64 -4.14 20.92 21.61
CA THR C 64 -2.86 20.23 21.32
C THR C 64 -1.79 20.57 22.38
N GLU C 65 -1.55 21.87 22.62
CA GLU C 65 -0.54 22.32 23.57
C GLU C 65 -0.79 21.80 24.99
N GLU C 66 -2.02 21.96 25.47
CA GLU C 66 -2.41 21.53 26.82
C GLU C 66 -2.41 20.00 26.95
N PHE C 67 -2.75 19.31 25.85
CA PHE C 67 -2.67 17.86 25.83
C PHE C 67 -1.22 17.43 25.91
N ASP C 68 -0.38 18.00 25.05
CA ASP C 68 1.04 17.67 25.00
C ASP C 68 1.76 17.89 26.34
N MET C 69 1.35 18.90 27.11
CA MET C 69 1.98 19.18 28.39
C MET C 69 1.55 18.25 29.53
N LEU C 70 0.36 17.67 29.44
CA LEU C 70 -0.20 16.86 30.55
C LEU C 70 -0.22 15.35 30.33
N HIS C 71 0.14 14.91 29.12
CA HIS C 71 0.06 13.48 28.80
C HIS C 71 1.30 13.01 28.07
N PRO C 72 1.71 11.76 28.31
CA PRO C 72 2.58 11.09 27.33
C PRO C 72 1.84 10.89 26.00
N PRO C 73 2.57 10.85 24.87
CA PRO C 73 1.93 10.77 23.55
C PRO C 73 1.14 9.47 23.30
N ASN C 74 1.54 8.40 23.99
CA ASN C 74 0.94 7.09 23.82
C ASN C 74 -0.48 6.92 24.40
N VAL C 75 -0.98 7.90 25.16
CA VAL C 75 -2.30 7.72 25.79
C VAL C 75 -3.44 7.60 24.79
N LEU C 76 -3.29 8.23 23.63
CA LEU C 76 -4.33 8.13 22.60
C LEU C 76 -4.48 6.68 22.15
N LYS C 77 -3.36 6.00 21.95
CA LYS C 77 -3.33 4.59 21.52
C LYS C 77 -3.70 3.64 22.64
N LYS C 78 -3.47 4.08 23.88
CA LYS C 78 -3.83 3.27 25.04
C LYS C 78 -5.32 3.26 25.33
N TYR C 79 -6.00 4.38 25.07
CA TYR C 79 -7.39 4.52 25.52
C TYR C 79 -8.46 4.57 24.45
N LEU C 80 -8.10 4.94 23.24
CA LEU C 80 -9.08 5.20 22.21
C LEU C 80 -9.02 4.20 21.07
N THR C 81 -10.17 4.00 20.41
CA THR C 81 -10.25 3.18 19.21
C THR C 81 -10.82 4.00 18.06
N PRO C 82 -10.79 3.46 16.83
CA PRO C 82 -11.11 4.26 15.65
C PRO C 82 -12.49 4.94 15.58
N GLU C 83 -13.51 4.45 16.27
CA GLU C 83 -14.83 5.10 16.13
C GLU C 83 -14.87 6.53 16.72
N VAL C 84 -13.95 6.85 17.63
CA VAL C 84 -13.88 8.23 18.16
C VAL C 84 -13.01 9.18 17.31
N VAL C 85 -12.31 8.65 16.31
CA VAL C 85 -11.44 9.49 15.49
C VAL C 85 -12.20 9.89 14.24
N LEU C 86 -12.59 11.16 14.17
CA LEU C 86 -13.56 11.58 13.15
C LEU C 86 -12.91 11.95 11.84
N GLY C 87 -11.77 12.59 11.92
CA GLY C 87 -11.13 13.09 10.72
C GLY C 87 -10.30 14.32 11.01
N PRO C 88 -9.60 14.83 9.99
CA PRO C 88 -8.78 16.02 10.18
C PRO C 88 -9.63 17.28 10.07
N VAL C 89 -9.13 18.37 10.67
CA VAL C 89 -9.76 19.68 10.52
C VAL C 89 -9.76 20.06 9.04
N LYS C 90 -10.88 20.58 8.55
CA LYS C 90 -10.99 20.94 7.14
C LYS C 90 -10.21 22.20 6.79
N LYS C 91 -9.31 22.08 5.83
CA LYS C 91 -8.50 23.20 5.36
C LYS C 91 -9.34 24.11 4.45
N ASP D 9 8.78 -19.09 -36.99
CA ASP D 9 10.13 -19.47 -36.48
C ASP D 9 10.23 -19.41 -34.96
N HIS D 10 11.37 -18.95 -34.43
CA HIS D 10 11.69 -19.15 -33.01
C HIS D 10 11.25 -18.05 -32.08
N ILE D 11 10.50 -17.07 -32.58
CA ILE D 11 9.93 -16.02 -31.72
C ILE D 11 8.91 -16.63 -30.75
N ASN D 12 9.07 -16.32 -29.46
CA ASN D 12 8.15 -16.79 -28.44
C ASN D 12 7.58 -15.63 -27.63
N PRO D 13 6.52 -15.88 -26.83
CA PRO D 13 5.96 -14.81 -26.01
C PRO D 13 6.96 -14.11 -25.09
N ARG D 14 7.91 -14.87 -24.54
CA ARG D 14 8.92 -14.30 -23.63
C ARG D 14 9.73 -13.14 -24.26
N ASP D 15 9.72 -13.06 -25.59
CA ASP D 15 10.54 -12.09 -26.32
C ASP D 15 9.83 -10.76 -26.63
N LEU D 16 8.59 -10.59 -26.15
CA LEU D 16 7.70 -9.52 -26.67
C LEU D 16 7.61 -8.25 -25.82
N SER D 17 8.77 -7.69 -25.48
CA SER D 17 8.83 -6.39 -24.81
C SER D 17 8.53 -5.27 -25.80
N LEU D 18 8.06 -4.13 -25.27
CA LEU D 18 7.77 -2.96 -26.09
C LEU D 18 8.99 -2.53 -26.86
N THR D 19 10.13 -2.65 -26.20
CA THR D 19 11.40 -2.32 -26.79
C THR D 19 11.69 -3.25 -27.96
N GLU D 20 11.51 -4.55 -27.77
CA GLU D 20 11.76 -5.51 -28.86
C GLU D 20 10.80 -5.27 -30.06
N ILE D 21 9.52 -5.04 -29.76
CA ILE D 21 8.51 -4.87 -30.81
C ILE D 21 8.85 -3.66 -31.70
N ALA D 22 9.22 -2.55 -31.08
CA ALA D 22 9.63 -1.34 -31.79
C ALA D 22 10.72 -1.57 -32.86
N LYS D 23 11.49 -2.65 -32.72
CA LYS D 23 12.58 -2.94 -33.64
C LYS D 23 12.10 -3.62 -34.93
N HIS D 24 10.88 -4.16 -34.91
CA HIS D 24 10.33 -4.82 -36.09
C HIS D 24 9.42 -3.86 -36.82
N ASN D 25 10.08 -2.87 -37.46
CA ASN D 25 9.39 -1.69 -37.94
C ASN D 25 9.59 -1.34 -39.43
N THR D 26 9.79 -2.38 -40.25
CA THR D 26 9.93 -2.21 -41.70
C THR D 26 9.01 -3.15 -42.49
N GLU D 27 8.86 -2.87 -43.79
CA GLU D 27 8.12 -3.75 -44.69
C GLU D 27 8.56 -5.22 -44.62
N GLU D 28 9.87 -5.44 -44.47
CA GLU D 28 10.40 -6.81 -44.51
C GLU D 28 10.32 -7.51 -43.16
N ASP D 29 10.00 -6.78 -42.11
CA ASP D 29 9.95 -7.31 -40.76
C ASP D 29 9.02 -6.41 -39.94
N CYS D 30 7.74 -6.76 -39.96
CA CYS D 30 6.68 -5.86 -39.58
C CYS D 30 5.79 -6.44 -38.49
N TRP D 31 5.96 -5.97 -37.27
CA TRP D 31 5.07 -6.38 -36.19
C TRP D 31 4.20 -5.24 -35.84
N VAL D 32 2.98 -5.56 -35.42
CA VAL D 32 1.97 -4.58 -35.03
C VAL D 32 1.26 -5.06 -33.77
N ILE D 33 0.98 -4.13 -32.86
CA ILE D 33 0.19 -4.43 -31.67
C ILE D 33 -1.28 -4.06 -31.89
N ILE D 34 -2.17 -5.03 -31.66
CA ILE D 34 -3.62 -4.79 -31.69
C ILE D 34 -4.26 -5.44 -30.45
N LYS D 35 -4.86 -4.59 -29.62
CA LYS D 35 -5.45 -5.00 -28.34
CA LYS D 35 -5.47 -5.01 -28.35
C LYS D 35 -4.49 -5.82 -27.51
N ASP D 36 -3.27 -5.30 -27.36
CA ASP D 36 -2.19 -5.90 -26.55
C ASP D 36 -1.68 -7.26 -27.02
N ILE D 37 -2.04 -7.66 -28.24
CA ILE D 37 -1.51 -8.88 -28.87
C ILE D 37 -0.60 -8.45 -30.02
N VAL D 38 0.54 -9.14 -30.17
CA VAL D 38 1.50 -8.83 -31.22
C VAL D 38 1.32 -9.76 -32.40
N TYR D 39 1.22 -9.14 -33.57
CA TYR D 39 1.01 -9.85 -34.83
C TYR D 39 2.16 -9.55 -35.76
N ASP D 40 2.71 -10.60 -36.38
CA ASP D 40 3.72 -10.45 -37.39
C ASP D 40 3.03 -10.42 -38.74
N LEU D 41 2.91 -9.22 -39.29
CA LEU D 41 2.10 -8.99 -40.48
C LEU D 41 2.90 -9.00 -41.78
N THR D 42 4.17 -9.38 -41.69
CA THR D 42 5.08 -9.33 -42.85
C THR D 42 4.51 -10.06 -44.07
N LYS D 43 4.15 -11.33 -43.92
CA LYS D 43 3.57 -12.13 -45.00
C LYS D 43 2.16 -11.64 -45.41
N PHE D 44 1.42 -11.05 -44.47
CA PHE D 44 0.07 -10.58 -44.75
C PHE D 44 0.01 -9.32 -45.62
N LEU D 45 1.05 -8.50 -45.52
CA LEU D 45 1.11 -7.22 -46.25
C LEU D 45 0.52 -7.20 -47.67
N PRO D 46 1.01 -8.06 -48.59
CA PRO D 46 0.50 -7.99 -49.97
C PRO D 46 -0.96 -8.40 -50.13
N ASP D 47 -1.47 -9.15 -49.15
CA ASP D 47 -2.86 -9.62 -49.16
C ASP D 47 -3.82 -8.67 -48.43
N HIS D 48 -3.31 -7.55 -47.89
CA HIS D 48 -4.14 -6.61 -47.13
C HIS D 48 -4.99 -5.78 -48.06
N PRO D 49 -6.31 -5.97 -48.03
CA PRO D 49 -7.18 -5.20 -48.91
C PRO D 49 -7.08 -3.68 -48.67
N GLY D 50 -6.62 -3.29 -47.47
CA GLY D 50 -6.40 -1.89 -47.16
C GLY D 50 -5.05 -1.34 -47.61
N GLY D 51 -4.25 -2.17 -48.26
CA GLY D 51 -2.97 -1.75 -48.84
C GLY D 51 -1.81 -1.95 -47.89
N LYS D 52 -0.61 -1.97 -48.45
CA LYS D 52 0.60 -2.22 -47.66
C LYS D 52 0.98 -1.04 -46.76
N LYS D 53 0.83 0.19 -47.29
CA LYS D 53 1.29 1.40 -46.60
C LYS D 53 0.58 1.65 -45.27
N ALA D 54 -0.72 1.34 -45.23
CA ALA D 54 -1.53 1.45 -44.03
C ALA D 54 -0.92 0.69 -42.85
N ILE D 55 -0.46 -0.53 -43.13
CA ILE D 55 0.15 -1.39 -42.11
C ILE D 55 1.61 -0.96 -41.81
N ILE D 56 2.38 -0.67 -42.84
CA ILE D 56 3.78 -0.21 -42.63
C ILE D 56 3.85 1.04 -41.75
N LEU D 57 2.88 1.94 -41.89
CA LEU D 57 2.83 3.16 -41.07
C LEU D 57 2.80 2.83 -39.57
N PHE D 58 2.22 1.70 -39.21
CA PHE D 58 2.16 1.26 -37.82
C PHE D 58 3.17 0.18 -37.46
N ALA D 59 4.10 -0.12 -38.35
CA ALA D 59 5.08 -1.19 -38.10
C ALA D 59 5.89 -0.90 -36.85
N GLY D 60 5.87 -1.86 -35.92
CA GLY D 60 6.56 -1.72 -34.63
C GLY D 60 5.75 -0.91 -33.63
N LYS D 61 4.49 -0.64 -33.97
CA LYS D 61 3.65 0.23 -33.15
C LYS D 61 2.31 -0.41 -32.78
N ASP D 62 1.57 0.30 -31.92
CA ASP D 62 0.22 -0.09 -31.54
C ASP D 62 -0.76 0.54 -32.53
N ALA D 63 -1.55 -0.30 -33.21
CA ALA D 63 -2.56 0.20 -34.13
C ALA D 63 -3.99 0.08 -33.59
N THR D 64 -4.14 -0.30 -32.32
CA THR D 64 -5.45 -0.66 -31.74
C THR D 64 -6.60 0.27 -32.13
N GLU D 65 -6.41 1.57 -31.88
CA GLU D 65 -7.43 2.60 -32.09
CA GLU D 65 -7.45 2.57 -32.09
C GLU D 65 -7.87 2.70 -33.57
N GLU D 66 -6.89 2.87 -34.45
CA GLU D 66 -7.13 3.01 -35.89
C GLU D 66 -7.66 1.73 -36.52
N PHE D 67 -7.25 0.58 -36.01
CA PHE D 67 -7.71 -0.69 -36.53
C PHE D 67 -9.18 -0.86 -36.20
N ASP D 68 -9.49 -0.69 -34.91
CA ASP D 68 -10.86 -0.83 -34.42
C ASP D 68 -11.83 0.06 -35.18
N MET D 69 -11.37 1.24 -35.58
CA MET D 69 -12.23 2.20 -36.28
C MET D 69 -12.49 1.85 -37.75
N LEU D 70 -11.61 1.06 -38.35
CA LEU D 70 -11.61 0.83 -39.80
C LEU D 70 -12.02 -0.57 -40.23
N HIS D 71 -12.21 -1.47 -39.27
CA HIS D 71 -12.48 -2.87 -39.58
C HIS D 71 -13.63 -3.37 -38.78
N PRO D 72 -14.37 -4.35 -39.34
CA PRO D 72 -15.08 -5.29 -38.47
C PRO D 72 -14.04 -6.07 -37.64
N PRO D 73 -14.39 -6.52 -36.42
CA PRO D 73 -13.35 -7.15 -35.57
C PRO D 73 -12.94 -8.56 -36.03
N ASN D 74 -13.87 -9.27 -36.67
CA ASN D 74 -13.70 -10.66 -37.09
C ASN D 74 -12.65 -10.89 -38.18
N VAL D 75 -12.06 -9.82 -38.71
CA VAL D 75 -11.01 -9.98 -39.74
C VAL D 75 -9.76 -10.68 -39.21
N LEU D 76 -9.42 -10.47 -37.94
CA LEU D 76 -8.21 -11.10 -37.38
C LEU D 76 -8.28 -12.63 -37.45
N LYS D 77 -9.44 -13.19 -37.12
CA LYS D 77 -9.62 -14.64 -37.17
C LYS D 77 -9.81 -15.19 -38.59
N LYS D 78 -10.15 -14.33 -39.55
CA LYS D 78 -10.35 -14.79 -40.93
C LYS D 78 -9.06 -14.85 -41.73
N TYR D 79 -8.24 -13.81 -41.60
CA TYR D 79 -7.13 -13.57 -42.54
C TYR D 79 -5.74 -14.05 -42.08
N LEU D 80 -5.61 -14.44 -40.83
CA LEU D 80 -4.28 -14.68 -40.27
C LEU D 80 -4.07 -16.10 -39.76
N THR D 81 -2.93 -16.69 -40.11
CA THR D 81 -2.57 -18.01 -39.60
C THR D 81 -2.16 -17.91 -38.12
N PRO D 82 -2.31 -18.99 -37.34
CA PRO D 82 -1.96 -18.88 -35.90
C PRO D 82 -0.48 -18.59 -35.67
N GLU D 83 0.34 -18.92 -36.66
CA GLU D 83 1.80 -18.67 -36.63
CA GLU D 83 1.77 -18.68 -36.56
C GLU D 83 2.11 -17.18 -36.53
N VAL D 84 1.29 -16.35 -37.16
CA VAL D 84 1.55 -14.90 -37.14
C VAL D 84 1.11 -14.18 -35.84
N VAL D 85 0.40 -14.88 -34.98
CA VAL D 85 0.04 -14.31 -33.68
C VAL D 85 1.18 -14.66 -32.74
N LEU D 86 1.93 -13.66 -32.30
CA LEU D 86 3.17 -13.92 -31.55
C LEU D 86 2.90 -14.11 -30.07
N GLY D 87 1.96 -13.33 -29.55
CA GLY D 87 1.60 -13.39 -28.13
C GLY D 87 1.33 -12.00 -27.60
N PRO D 88 1.10 -11.88 -26.27
CA PRO D 88 0.78 -10.59 -25.67
C PRO D 88 2.00 -9.72 -25.43
N VAL D 89 1.80 -8.41 -25.37
CA VAL D 89 2.85 -7.49 -24.97
C VAL D 89 3.23 -7.82 -23.51
N LYS D 90 4.52 -7.89 -23.21
CA LYS D 90 5.01 -8.08 -21.83
C LYS D 90 5.03 -6.74 -21.08
N LYS D 91 4.70 -6.75 -19.80
CA LYS D 91 4.71 -5.53 -18.98
C LYS D 91 5.53 -5.63 -17.70
CHA HEM E . 0.98 -15.87 1.30
CHB HEM E . 3.35 -19.60 3.64
CHC HEM E . 3.66 -16.93 7.65
CHD HEM E . 1.38 -13.27 5.28
C1A HEM E . 1.57 -17.14 1.65
C2A HEM E . 1.61 -18.24 0.69
C3A HEM E . 2.30 -19.33 1.39
C4A HEM E . 2.67 -18.79 2.70
CMA HEM E . 2.60 -20.68 0.83
CAA HEM E . 1.05 -18.29 -0.73
CBA HEM E . -0.27 -19.05 -0.71
CGA HEM E . -1.29 -18.18 -0.02
O1A HEM E . -1.71 -17.13 -0.60
O2A HEM E . -1.65 -18.54 1.12
C1B HEM E . 3.65 -19.18 4.99
C2B HEM E . 4.29 -20.10 5.93
C3B HEM E . 4.36 -19.27 7.11
C4B HEM E . 3.77 -18.01 6.71
CMB HEM E . 4.76 -21.51 5.70
CAB HEM E . 4.96 -19.61 8.43
CBB HEM E . 4.23 -19.62 9.50
C1C HEM E . 3.00 -15.70 7.43
C2C HEM E . 2.91 -14.64 8.47
C3C HEM E . 2.24 -13.59 7.74
C4C HEM E . 2.01 -14.03 6.35
CMC HEM E . 3.40 -14.69 9.90
CAC HEM E . 1.86 -12.29 8.30
CBC HEM E . 0.61 -12.16 8.67
C1D HEM E . 1.10 -13.63 3.94
C2D HEM E . 0.43 -12.69 3.03
C3D HEM E . 0.30 -13.50 1.82
C4D HEM E . 0.94 -14.77 2.19
CMD HEM E . -0.04 -11.26 3.26
CAD HEM E . -0.31 -13.12 0.49
CBD HEM E . -1.71 -13.72 0.35
CGD HEM E . -2.27 -13.55 -1.06
O1D HEM E . -1.75 -12.73 -1.86
O2D HEM E . -3.26 -14.25 -1.39
NA HEM E . 2.08 -17.51 2.96
NB HEM E . 3.30 -17.97 5.45
NC HEM E . 2.37 -15.37 6.20
ND HEM E . 1.38 -14.88 3.45
FE HEM E . 2.46 -16.34 4.48
S SO4 F . 9.15 -8.16 0.23
O1 SO4 F . 10.10 -7.12 -0.23
O2 SO4 F . 8.48 -7.73 1.51
O3 SO4 F . 9.91 -9.42 0.40
O4 SO4 F . 8.12 -8.40 -0.82
CHA HEM G . -2.97 -1.01 13.64
CHB HEM G . -4.00 3.20 11.23
CHC HEM G . -0.32 2.48 8.14
CHD HEM G . 0.67 -1.74 10.59
C1A HEM G . -3.57 0.21 13.20
C2A HEM G . -4.74 0.78 13.89
C3A HEM G . -5.04 2.03 13.20
C4A HEM G . -4.00 2.11 12.15
CMA HEM G . -6.14 3.01 13.48
CAA HEM G . -5.47 0.20 15.08
CBA HEM G . -6.57 -0.66 14.45
CGA HEM G . -7.83 -0.72 15.30
O1A HEM G . -8.89 -1.09 14.73
O2A HEM G . -7.79 -0.44 16.53
C1B HEM G . -3.06 3.43 10.17
C2B HEM G . -3.20 4.58 9.26
C3B HEM G . -2.10 4.33 8.39
C4B HEM G . -1.46 3.09 8.85
CMB HEM G . -4.14 5.77 9.13
CAB HEM G . -1.75 5.24 7.28
CBB HEM G . -1.20 4.81 6.20
C1C HEM G . 0.29 1.21 8.50
C2C HEM G . 1.39 0.55 7.73
C3C HEM G . 1.64 -0.67 8.51
C4C HEM G . 0.68 -0.71 9.60
CMC HEM G . 2.12 1.07 6.51
CAC HEM G . 2.61 -1.76 8.28
CBC HEM G . 2.19 -2.57 7.34
C1D HEM G . -0.24 -1.89 11.68
C2D HEM G . -0.14 -3.09 12.52
C3D HEM G . -1.24 -2.92 13.45
C4D HEM G . -1.80 -1.58 13.03
CMD HEM G . 0.86 -4.21 12.39
CAD HEM G . -1.62 -3.85 14.58
CBD HEM G . -3.10 -4.16 14.70
CGD HEM G . -3.33 -5.63 14.42
O1D HEM G . -4.28 -5.91 13.69
O2D HEM G . -2.56 -6.49 14.91
NA HEM G . -3.17 0.93 12.03
NB HEM G . -2.08 2.54 9.91
NC HEM G . -0.23 0.38 9.54
ND HEM G . -1.24 -1.02 11.94
FE HEM G . -1.52 0.82 10.96
S SO4 H . 7.25 0.96 18.44
O1 SO4 H . 8.58 1.59 18.21
O2 SO4 H . 6.25 2.04 18.70
O3 SO4 H . 7.32 0.05 19.60
O4 SO4 H . 6.86 0.19 17.24
CHA HEM I . -4.67 12.79 32.95
CHB HEM I . -6.34 17.00 30.92
CHC HEM I . -7.47 14.57 26.92
CHD HEM I . -5.80 10.34 28.96
C1A HEM I . -5.15 14.12 32.69
C2A HEM I . -5.24 15.05 33.84
C3A HEM I . -5.75 16.29 33.22
C4A HEM I . -5.88 15.96 31.79
CMA HEM I . -6.08 17.60 33.89
CAA HEM I . -4.91 14.76 35.30
CBA HEM I . -3.58 15.48 35.64
CGA HEM I . -2.32 14.62 35.68
O1A HEM I . -2.28 13.65 36.46
O2A HEM I . -1.33 14.91 34.95
C1B HEM I . -6.77 16.75 29.56
C2B HEM I . -7.12 17.86 28.62
C3B HEM I . -7.42 17.08 27.44
C4B HEM I . -7.23 15.67 27.84
CMB HEM I . -7.12 19.35 28.83
CAB HEM I . -7.86 17.57 26.13
CBB HEM I . -9.16 17.66 25.93
C1C HEM I . -7.20 13.16 27.14
C2C HEM I . -7.55 12.11 26.16
C3C HEM I . -7.04 10.90 26.81
C4C HEM I . -6.43 11.29 28.07
CMC HEM I . -8.28 12.25 24.86
CAC HEM I . -7.07 9.49 26.35
CBC HEM I . -7.65 9.13 25.25
C1D HEM I . -5.31 10.67 30.28
C2D HEM I . -4.53 9.66 31.07
C3D HEM I . -4.18 10.39 32.28
C4D HEM I . -4.80 11.71 32.01
CMD HEM I . -4.19 8.25 30.68
CAD HEM I . -3.39 9.94 33.49
CBD HEM I . -2.06 10.71 33.51
CGD HEM I . -0.87 9.83 33.18
O1D HEM I . -0.61 9.57 31.97
O2D HEM I . -0.18 9.41 34.14
NA HEM I . -5.41 14.64 31.33
NB HEM I . -6.83 15.48 29.09
NC HEM I . -6.37 12.73 28.25
ND HEM I . -5.44 11.89 30.84
FE HEM I . -6.49 13.59 30.01
S SO4 J . -15.61 15.25 36.90
O1 SO4 J . -14.68 16.30 36.39
O2 SO4 J . -16.99 15.58 36.52
O3 SO4 J . -15.50 15.19 38.38
O4 SO4 J . -15.26 13.93 36.33
CHA HEM K . -9.38 -2.42 -44.79
CHB HEM K . -7.90 -6.83 -42.94
CHC HEM K . -4.69 -4.56 -40.19
CHD HEM K . -5.80 -0.21 -42.38
C1A HEM K . -9.28 -3.84 -44.52
C2A HEM K . -10.17 -4.85 -45.16
C3A HEM K . -9.70 -6.12 -44.60
C4A HEM K . -8.56 -5.80 -43.70
CMA HEM K . -10.21 -7.49 -44.92
CAA HEM K . -11.29 -4.66 -46.17
CBA HEM K . -12.57 -4.50 -45.33
CGA HEM K . -13.91 -4.77 -46.04
O1A HEM K . -13.96 -5.32 -47.16
O2A HEM K . -14.96 -4.43 -45.46
C1B HEM K . -6.87 -6.60 -41.98
C2B HEM K . -6.36 -7.73 -41.14
C3B HEM K . -5.37 -7.00 -40.34
C4B HEM K . -5.48 -5.61 -40.79
CMB HEM K . -6.68 -9.18 -41.09
CAB HEM K . -4.48 -7.59 -39.31
CBB HEM K . -4.21 -6.93 -38.22
C1C HEM K . -4.69 -3.18 -40.54
C2C HEM K . -3.75 -2.20 -39.91
C3C HEM K . -4.11 -0.95 -40.59
C4C HEM K . -5.21 -1.23 -41.54
CMC HEM K . -2.69 -2.45 -38.88
CAC HEM K . -3.52 0.37 -40.39
CBC HEM K . -4.09 1.09 -39.46
C1D HEM K . -6.90 -0.45 -43.29
C2D HEM K . -7.54 0.70 -43.98
C3D HEM K . -8.62 0.03 -44.71
C4D HEM K . -8.46 -1.40 -44.33
CMD HEM K . -7.17 2.16 -43.96
CAD HEM K . -9.65 0.66 -45.60
CBD HEM K . -10.99 0.63 -44.89
CGD HEM K . -12.01 0.78 -45.98
O1D HEM K . -12.36 -0.25 -46.64
O2D HEM K . -12.43 1.96 -46.15
NA HEM K . -8.40 -4.37 -43.49
NB HEM K . -6.39 -5.38 -41.75
NC HEM K . -5.68 -2.58 -41.39
ND HEM K . -7.49 -1.66 -43.45
FE HEM K . -6.79 -3.52 -42.71
S SO4 L . -0.46 0.54 -51.07
O1 SO4 L . 0.44 1.29 -51.96
O2 SO4 L . -0.14 0.86 -49.66
O3 SO4 L . -0.30 -0.92 -51.30
O4 SO4 L . -1.86 0.96 -51.32
#